data_1ZCB
#
_entry.id   1ZCB
#
_cell.length_a   67.391
_cell.length_b   67.391
_cell.length_c   175.159
_cell.angle_alpha   90.00
_cell.angle_beta   90.00
_cell.angle_gamma   90.00
#
_symmetry.space_group_name_H-M   'P 43 21 2'
#
loop_
_entity.id
_entity.type
_entity.pdbx_description
1 polymer 'G alpha i/13'
2 non-polymer "GUANOSINE-5'-DIPHOSPHATE"
3 water water
#
_entity_poly.entity_id   1
_entity_poly.type   'polypeptide(L)'
_entity_poly.pdbx_seq_one_letter_code
;MGCTLSAEDKAAVERSKMIDRNLREDGERSARLVKILLLGAGESGKSTFLKQMRIIHGQDFDQRAREEFRPTIYSNVIKG
MRVLVDAREKLHIPWGDNKNQLHGDKLMAFDTRAPMAAQGMVETRVFLQYLPAIRALWEDSGIQNAYDRRREFQLGESVK
YFLDNLDKLGVPDYIPSQQDILLARRPTKGIHEYDFEIKNVPFKMVDVGGQRSERKRWFECFDSVTSILFLVSSSEFDQV
LMEDRQTNRLTESLNIFETIVNNRVFSNVSIILFLNKTDLLEEKVQVVSIKDYFLEFEGDPHCLRDVQKFLVECFRGKRR
DQQQRPLYHHFTTAINTENIRLVFRDVKDTILHDNLKQLMLQ
;
_entity_poly.pdbx_strand_id   A
#
loop_
_chem_comp.id
_chem_comp.type
_chem_comp.name
_chem_comp.formula
GDP RNA linking GUANOSINE-5'-DIPHOSPHATE 'C10 H15 N5 O11 P2'
#
# COMPACT_ATOMS: atom_id res chain seq x y z
N ALA A 31 16.30 11.15 -24.50
CA ALA A 31 15.42 12.02 -25.34
C ALA A 31 14.05 11.36 -25.49
N ARG A 32 14.04 10.20 -26.14
CA ARG A 32 12.87 9.35 -26.20
C ARG A 32 12.53 8.76 -24.82
N LEU A 33 13.49 8.84 -23.89
CA LEU A 33 13.36 8.31 -22.53
C LEU A 33 12.39 9.12 -21.66
N VAL A 34 11.35 8.43 -21.18
CA VAL A 34 10.39 9.02 -20.26
C VAL A 34 10.78 8.65 -18.83
N LYS A 35 11.15 9.66 -18.04
CA LYS A 35 11.49 9.46 -16.63
C LYS A 35 10.38 9.82 -15.67
N ILE A 36 9.91 8.82 -14.95
CA ILE A 36 8.77 8.98 -14.09
C ILE A 36 9.20 8.76 -12.66
N LEU A 37 8.95 9.73 -11.77
CA LEU A 37 9.13 9.51 -10.32
C LEU A 37 7.87 9.10 -9.63
N LEU A 38 7.95 8.14 -8.71
CA LEU A 38 6.83 7.81 -7.80
C LEU A 38 7.09 8.40 -6.42
N LEU A 39 6.15 9.24 -5.99
CA LEU A 39 6.28 10.02 -4.76
C LEU A 39 5.01 9.77 -3.93
N GLY A 40 5.08 10.01 -2.65
CA GLY A 40 3.93 9.80 -1.79
C GLY A 40 4.39 9.19 -0.46
N ALA A 41 3.57 9.30 0.56
CA ALA A 41 3.98 8.93 1.91
C ALA A 41 4.21 7.43 1.94
N GLY A 42 4.85 6.88 2.98
CA GLY A 42 5.02 5.40 3.05
C GLY A 42 3.68 4.70 3.08
N GLU A 43 3.64 3.43 2.62
CA GLU A 43 2.42 2.64 2.55
C GLU A 43 1.36 3.16 1.59
N SER A 44 1.72 4.08 0.69
CA SER A 44 0.77 4.63 -0.27
C SER A 44 0.59 3.81 -1.53
N GLY A 45 1.45 2.79 -1.75
CA GLY A 45 1.34 1.86 -2.89
C GLY A 45 2.41 2.00 -3.98
N LYS A 46 3.52 2.66 -3.68
CA LYS A 46 4.61 2.92 -4.66
C LYS A 46 5.34 1.66 -5.08
N SER A 47 5.88 0.93 -4.13
CA SER A 47 6.44 -0.40 -4.46
C SER A 47 5.53 -1.29 -5.24
N THR A 48 4.24 -1.32 -4.86
CA THR A 48 3.22 -2.16 -5.55
C THR A 48 3.02 -1.68 -6.97
N PHE A 49 2.94 -0.36 -7.16
CA PHE A 49 2.88 0.17 -8.54
C PHE A 49 4.07 -0.24 -9.43
N LEU A 50 5.29 -0.10 -8.92
CA LEU A 50 6.48 -0.64 -9.61
C LEU A 50 6.39 -2.14 -9.94
N LYS A 51 5.92 -2.95 -9.00
CA LYS A 51 5.72 -4.37 -9.35
C LYS A 51 4.74 -4.54 -10.49
N GLN A 52 3.66 -3.76 -10.49
CA GLN A 52 2.67 -3.88 -11.59
C GLN A 52 3.31 -3.53 -12.94
N MET A 53 4.20 -2.55 -12.98
CA MET A 53 4.91 -2.22 -14.24
C MET A 53 5.72 -3.40 -14.74
N ARG A 54 6.44 -4.04 -13.84
CA ARG A 54 7.16 -5.29 -14.18
C ARG A 54 6.21 -6.34 -14.70
N ILE A 55 5.08 -6.53 -13.99
CA ILE A 55 4.06 -7.50 -14.47
C ILE A 55 3.49 -7.14 -15.82
N ILE A 56 3.10 -5.88 -15.99
CA ILE A 56 2.40 -5.48 -17.20
C ILE A 56 3.32 -5.33 -18.42
N HIS A 57 4.45 -4.64 -18.22
CA HIS A 57 5.30 -4.27 -19.33
C HIS A 57 6.71 -4.83 -19.25
N GLY A 58 7.06 -5.55 -18.18
CA GLY A 58 8.42 -6.07 -18.05
C GLY A 58 8.53 -7.57 -18.09
N GLN A 59 9.60 -8.10 -17.50
CA GLN A 59 9.73 -9.54 -17.32
C GLN A 59 9.14 -9.94 -15.97
N ASP A 60 7.98 -10.56 -16.04
CA ASP A 60 7.38 -11.23 -14.90
C ASP A 60 8.42 -11.95 -14.07
N PHE A 61 8.27 -11.87 -12.76
CA PHE A 61 9.10 -12.57 -11.82
C PHE A 61 9.16 -14.07 -12.20
N ASP A 62 10.37 -14.59 -12.39
CA ASP A 62 10.56 -16.05 -12.60
C ASP A 62 10.60 -16.73 -11.24
N GLN A 63 10.63 -18.05 -11.23
CA GLN A 63 10.50 -18.83 -10.00
C GLN A 63 11.44 -18.38 -8.87
N ARG A 64 12.70 -18.16 -9.18
CA ARG A 64 13.69 -17.66 -8.20
C ARG A 64 13.35 -16.27 -7.65
N ALA A 65 12.82 -15.40 -8.52
CA ALA A 65 12.42 -14.05 -8.12
C ALA A 65 11.25 -14.13 -7.13
N ARG A 66 10.24 -14.93 -7.46
CA ARG A 66 9.08 -15.13 -6.58
C ARG A 66 9.48 -15.73 -5.25
N GLU A 67 10.33 -16.77 -5.31
CA GLU A 67 10.93 -17.40 -4.13
C GLU A 67 11.44 -16.44 -3.10
N GLU A 68 12.08 -15.37 -3.55
CA GLU A 68 12.68 -14.38 -2.65
C GLU A 68 11.63 -13.67 -1.80
N PHE A 69 10.37 -13.71 -2.23
CA PHE A 69 9.28 -13.05 -1.48
C PHE A 69 8.72 -13.89 -0.32
N ARG A 70 8.93 -15.19 -0.42
CA ARG A 70 8.41 -16.11 0.57
C ARG A 70 8.71 -15.70 2.03
N PRO A 71 10.00 -15.38 2.35
CA PRO A 71 10.31 -14.91 3.72
C PRO A 71 9.51 -13.68 4.17
N THR A 72 9.27 -12.74 3.27
CA THR A 72 8.49 -11.54 3.59
C THR A 72 7.01 -11.86 3.86
N ILE A 73 6.44 -12.72 2.99
CA ILE A 73 5.08 -13.16 3.15
C ILE A 73 4.89 -13.85 4.49
N TYR A 74 5.83 -14.72 4.87
CA TYR A 74 5.74 -15.42 6.16
C TYR A 74 5.85 -14.45 7.33
N SER A 75 6.77 -13.51 7.21
CA SER A 75 6.89 -12.45 8.20
C SER A 75 5.58 -11.60 8.28
N ASN A 76 5.02 -11.21 7.13
CA ASN A 76 3.76 -10.47 7.11
C ASN A 76 2.67 -11.22 7.90
N VAL A 77 2.61 -12.55 7.75
CA VAL A 77 1.59 -13.38 8.44
C VAL A 77 1.84 -13.51 9.94
N ILE A 78 3.07 -13.87 10.29
CA ILE A 78 3.41 -13.92 11.70
C ILE A 78 3.15 -12.56 12.42
N LYS A 79 3.54 -11.44 11.82
CA LYS A 79 3.35 -10.14 12.47
C LYS A 79 1.88 -9.82 12.59
N GLY A 80 1.13 -10.08 11.52
CA GLY A 80 -0.30 -9.84 11.52
C GLY A 80 -1.06 -10.61 12.57
N MET A 81 -0.74 -11.91 12.71
CA MET A 81 -1.42 -12.68 13.73
C MET A 81 -0.98 -12.19 15.11
N ARG A 82 0.28 -11.81 15.24
CA ARG A 82 0.80 -11.25 16.51
C ARG A 82 0.02 -10.01 16.97
N VAL A 83 -0.27 -9.12 16.01
CA VAL A 83 -1.09 -7.92 16.19
C VAL A 83 -2.52 -8.32 16.61
N LEU A 84 -3.05 -9.36 15.97
CA LEU A 84 -4.40 -9.82 16.26
C LEU A 84 -4.54 -10.47 17.64
N VAL A 85 -3.57 -11.29 18.04
CA VAL A 85 -3.57 -11.87 19.38
C VAL A 85 -3.41 -10.76 20.42
N ASP A 86 -2.53 -9.79 20.12
CA ASP A 86 -2.33 -8.65 21.02
C ASP A 86 -3.58 -7.77 21.12
N ALA A 87 -4.25 -7.56 19.99
CA ALA A 87 -5.50 -6.82 19.97
C ALA A 87 -6.56 -7.44 20.87
N ARG A 88 -6.96 -8.67 20.59
CA ARG A 88 -8.10 -9.26 21.31
C ARG A 88 -7.89 -9.28 22.83
N GLU A 89 -6.62 -9.41 23.21
CA GLU A 89 -6.17 -9.24 24.59
C GLU A 89 -6.46 -7.81 25.07
N LYS A 90 -5.82 -6.82 24.44
CA LYS A 90 -5.95 -5.42 24.84
C LYS A 90 -7.34 -4.82 24.62
N LEU A 91 -8.13 -5.43 23.74
CA LEU A 91 -9.51 -5.00 23.51
C LEU A 91 -10.51 -5.85 24.30
N HIS A 92 -9.97 -6.82 25.04
CA HIS A 92 -10.76 -7.65 25.98
C HIS A 92 -11.84 -8.53 25.34
N ILE A 93 -11.73 -8.75 24.04
CA ILE A 93 -12.60 -9.70 23.32
C ILE A 93 -12.38 -11.13 23.85
N PRO A 94 -13.45 -11.80 24.29
CA PRO A 94 -13.29 -13.17 24.78
C PRO A 94 -12.90 -14.14 23.67
N TRP A 95 -12.12 -15.16 24.00
CA TRP A 95 -11.76 -16.22 23.06
C TRP A 95 -12.99 -16.91 22.49
N GLY A 96 -12.89 -17.35 21.24
CA GLY A 96 -13.86 -18.28 20.64
C GLY A 96 -13.84 -19.61 21.38
N ASP A 97 -12.79 -20.41 21.15
CA ASP A 97 -12.50 -21.61 21.95
C ASP A 97 -11.32 -21.31 22.89
N ASN A 98 -11.58 -21.42 24.19
CA ASN A 98 -10.58 -21.08 25.22
C ASN A 98 -9.22 -21.80 25.14
N LYS A 99 -9.22 -22.95 24.43
CA LYS A 99 -8.00 -23.70 24.14
C LYS A 99 -6.95 -22.94 23.31
N ASN A 100 -7.37 -21.86 22.66
CA ASN A 100 -6.49 -21.10 21.76
C ASN A 100 -5.54 -20.14 22.48
N GLN A 101 -5.79 -19.94 23.77
CA GLN A 101 -4.88 -19.21 24.64
C GLN A 101 -3.43 -19.70 24.46
N LEU A 102 -3.27 -21.03 24.49
CA LEU A 102 -2.00 -21.72 24.24
C LEU A 102 -1.32 -21.24 22.95
N HIS A 103 -2.10 -21.14 21.87
CA HIS A 103 -1.55 -20.72 20.59
C HIS A 103 -1.25 -19.23 20.59
N GLY A 104 -2.09 -18.45 21.27
CA GLY A 104 -1.82 -17.02 21.47
C GLY A 104 -0.47 -16.82 22.16
N ASP A 105 -0.26 -17.51 23.26
CA ASP A 105 1.02 -17.51 23.97
C ASP A 105 2.16 -17.97 23.06
N LYS A 106 1.89 -19.03 22.28
CA LYS A 106 2.87 -19.58 21.33
C LYS A 106 3.39 -18.49 20.40
N LEU A 107 2.49 -17.66 19.85
CA LEU A 107 2.84 -16.60 18.92
C LEU A 107 3.37 -15.32 19.56
N MET A 108 2.87 -15.03 20.76
CA MET A 108 3.40 -13.89 21.52
C MET A 108 4.84 -14.13 21.97
N ALA A 109 5.23 -15.39 22.04
CA ALA A 109 6.61 -15.77 22.32
C ALA A 109 7.54 -15.79 21.08
N PHE A 110 6.99 -15.53 19.90
CA PHE A 110 7.83 -15.39 18.70
C PHE A 110 8.90 -14.33 18.92
N ASP A 111 10.17 -14.71 18.74
CA ASP A 111 11.30 -13.79 18.88
C ASP A 111 11.40 -12.79 17.72
N THR A 112 10.73 -11.66 17.87
CA THR A 112 10.82 -10.53 16.91
C THR A 112 12.25 -9.98 16.77
N ARG A 113 13.00 -9.98 17.86
CA ARG A 113 14.36 -9.42 17.95
C ARG A 113 15.39 -10.10 17.04
N ALA A 114 15.29 -11.41 16.90
CA ALA A 114 16.26 -12.24 16.16
C ALA A 114 16.67 -11.69 14.78
N PRO A 115 17.92 -11.99 14.33
CA PRO A 115 18.49 -11.57 13.04
C PRO A 115 17.53 -11.56 11.84
N MET A 116 16.93 -12.72 11.54
CA MET A 116 16.03 -12.87 10.38
C MET A 116 14.73 -12.09 10.56
N ALA A 117 14.08 -12.27 11.72
CA ALA A 117 12.79 -11.66 12.06
C ALA A 117 12.83 -10.15 12.14
N ALA A 118 13.96 -9.62 12.62
CA ALA A 118 14.19 -8.17 12.70
C ALA A 118 14.31 -7.58 11.29
N GLN A 119 14.70 -8.42 10.33
CA GLN A 119 14.82 -8.04 8.93
C GLN A 119 13.51 -8.17 8.15
N GLY A 120 12.43 -8.55 8.84
CA GLY A 120 11.14 -8.77 8.19
C GLY A 120 11.16 -10.03 7.30
N MET A 121 11.80 -11.07 7.80
CA MET A 121 11.95 -12.33 7.10
C MET A 121 11.84 -13.50 8.06
N VAL A 122 11.09 -14.52 7.64
CA VAL A 122 10.91 -15.75 8.39
C VAL A 122 11.15 -16.91 7.43
N GLU A 123 12.11 -17.77 7.76
CA GLU A 123 12.42 -19.00 6.99
C GLU A 123 11.22 -19.95 6.99
N THR A 124 11.10 -20.77 5.93
CA THR A 124 10.04 -21.78 5.82
C THR A 124 9.93 -22.65 7.07
N ARG A 125 11.03 -23.25 7.51
CA ARG A 125 10.99 -24.20 8.63
C ARG A 125 10.45 -23.55 9.91
N VAL A 126 10.81 -22.29 10.12
CA VAL A 126 10.29 -21.49 11.23
C VAL A 126 8.77 -21.23 11.11
N PHE A 127 8.32 -20.81 9.92
CA PHE A 127 6.90 -20.59 9.66
C PHE A 127 6.04 -21.83 9.90
N LEU A 128 6.52 -22.98 9.45
CA LEU A 128 5.79 -24.25 9.58
C LEU A 128 5.68 -24.70 11.03
N GLN A 129 6.62 -24.26 11.86
CA GLN A 129 6.58 -24.47 13.30
C GLN A 129 5.41 -23.72 13.94
N TYR A 130 5.09 -22.54 13.38
CA TYR A 130 4.01 -21.69 13.87
C TYR A 130 2.67 -21.90 13.18
N LEU A 131 2.72 -22.45 11.96
CA LEU A 131 1.51 -22.55 11.14
C LEU A 131 0.29 -23.17 11.87
N PRO A 132 0.49 -24.29 12.60
CA PRO A 132 -0.65 -24.85 13.34
C PRO A 132 -1.30 -23.88 14.34
N ALA A 133 -0.48 -23.15 15.10
CA ALA A 133 -0.99 -22.08 15.98
C ALA A 133 -1.69 -21.00 15.19
N ILE A 134 -1.08 -20.55 14.10
CA ILE A 134 -1.68 -19.50 13.27
C ILE A 134 -3.04 -19.93 12.72
N ARG A 135 -3.10 -21.17 12.19
CA ARG A 135 -4.28 -21.70 11.56
C ARG A 135 -5.41 -21.78 12.61
N ALA A 136 -5.14 -22.41 13.76
CA ALA A 136 -6.09 -22.46 14.87
C ALA A 136 -6.55 -21.07 15.34
N LEU A 137 -5.63 -20.12 15.45
CA LEU A 137 -6.01 -18.75 15.83
C LEU A 137 -6.92 -18.02 14.84
N TRP A 138 -6.68 -18.20 13.54
CA TRP A 138 -7.52 -17.53 12.53
C TRP A 138 -8.92 -18.17 12.48
N GLU A 139 -9.00 -19.44 12.85
CA GLU A 139 -10.27 -20.15 12.99
C GLU A 139 -11.10 -19.61 14.17
N ASP A 140 -10.44 -19.01 15.15
CA ASP A 140 -11.10 -18.52 16.36
C ASP A 140 -12.03 -17.32 16.13
N SER A 141 -13.23 -17.41 16.66
CA SER A 141 -14.24 -16.36 16.54
C SER A 141 -13.81 -15.07 17.27
N GLY A 142 -13.01 -15.23 18.32
CA GLY A 142 -12.46 -14.09 19.09
C GLY A 142 -11.45 -13.31 18.28
N ILE A 143 -10.54 -14.05 17.64
CA ILE A 143 -9.60 -13.48 16.67
C ILE A 143 -10.31 -12.88 15.46
N GLN A 144 -11.34 -13.55 14.93
CA GLN A 144 -12.19 -12.98 13.85
C GLN A 144 -12.85 -11.66 14.29
N ASN A 145 -13.33 -11.64 15.53
CA ASN A 145 -13.86 -10.43 16.16
C ASN A 145 -12.83 -9.34 16.25
N ALA A 146 -11.65 -9.68 16.76
CA ALA A 146 -10.52 -8.73 16.80
C ALA A 146 -10.29 -8.16 15.41
N TYR A 147 -10.27 -9.04 14.41
CA TYR A 147 -10.04 -8.60 13.04
C TYR A 147 -11.08 -7.57 12.61
N ASP A 148 -12.34 -7.78 12.98
CA ASP A 148 -13.44 -6.88 12.59
C ASP A 148 -13.28 -5.48 13.20
N ARG A 149 -12.65 -5.42 14.36
CA ARG A 149 -12.42 -4.13 15.04
C ARG A 149 -11.03 -3.55 14.72
N ARG A 150 -10.54 -3.84 13.51
CA ARG A 150 -9.19 -3.45 13.08
C ARG A 150 -9.01 -1.94 12.92
N ARG A 151 -10.14 -1.23 12.78
CA ARG A 151 -10.18 0.23 12.83
C ARG A 151 -9.49 0.76 14.09
N GLU A 152 -9.50 -0.07 15.13
CA GLU A 152 -9.02 0.30 16.47
C GLU A 152 -7.54 0.04 16.71
N PHE A 153 -6.82 -0.49 15.71
CA PHE A 153 -5.37 -0.77 15.85
C PHE A 153 -4.73 -0.82 14.48
N GLN A 154 -3.43 -1.07 14.40
CA GLN A 154 -2.72 -1.01 13.12
C GLN A 154 -2.39 -2.41 12.51
N LEU A 155 -3.22 -2.84 11.57
CA LEU A 155 -3.06 -4.14 10.91
C LEU A 155 -2.71 -3.94 9.45
N GLY A 156 -1.66 -4.61 8.96
CA GLY A 156 -1.19 -4.43 7.56
C GLY A 156 -2.25 -4.83 6.57
N GLU A 157 -2.22 -4.23 5.37
CA GLU A 157 -3.24 -4.43 4.33
C GLU A 157 -3.32 -5.89 3.89
N SER A 158 -2.18 -6.56 3.89
CA SER A 158 -2.08 -7.93 3.34
C SER A 158 -2.58 -9.07 4.23
N VAL A 159 -2.79 -8.81 5.52
CA VAL A 159 -2.96 -9.90 6.51
C VAL A 159 -4.09 -10.87 6.17
N LYS A 160 -5.29 -10.36 5.94
CA LYS A 160 -6.45 -11.22 5.73
C LYS A 160 -6.31 -12.03 4.43
N TYR A 161 -5.79 -11.37 3.40
CA TYR A 161 -5.49 -12.08 2.16
C TYR A 161 -4.61 -13.32 2.43
N PHE A 162 -3.52 -13.17 3.18
CA PHE A 162 -2.62 -14.32 3.40
C PHE A 162 -3.15 -15.31 4.40
N LEU A 163 -3.85 -14.82 5.42
CA LEU A 163 -4.48 -15.71 6.41
C LEU A 163 -5.52 -16.61 5.75
N ASP A 164 -6.28 -16.06 4.82
CA ASP A 164 -7.21 -16.92 4.07
C ASP A 164 -6.54 -17.82 3.07
N ASN A 165 -5.22 -17.67 2.91
CA ASN A 165 -4.47 -18.45 1.91
C ASN A 165 -3.44 -19.37 2.56
N LEU A 166 -3.65 -19.64 3.84
CA LEU A 166 -2.78 -20.52 4.63
C LEU A 166 -2.64 -21.92 4.04
N ASP A 167 -3.62 -22.32 3.22
CA ASP A 167 -3.55 -23.60 2.51
C ASP A 167 -2.31 -23.65 1.63
N LYS A 168 -2.14 -22.62 0.81
CA LYS A 168 -1.06 -22.63 -0.18
C LYS A 168 0.30 -22.18 0.37
N LEU A 169 0.32 -21.24 1.33
CA LEU A 169 1.60 -20.84 1.95
C LEU A 169 2.24 -21.99 2.70
N GLY A 170 1.40 -22.86 3.26
CA GLY A 170 1.87 -24.00 4.04
C GLY A 170 2.34 -25.23 3.27
N VAL A 171 2.39 -25.18 1.94
CA VAL A 171 2.89 -26.31 1.11
C VAL A 171 4.41 -26.22 1.03
N PRO A 172 5.13 -27.34 1.26
CA PRO A 172 6.57 -27.22 1.60
C PRO A 172 7.43 -26.38 0.61
N ASP A 173 7.11 -26.43 -0.68
CA ASP A 173 7.78 -25.64 -1.72
C ASP A 173 6.85 -24.57 -2.30
N TYR A 174 6.27 -23.77 -1.40
CA TYR A 174 5.38 -22.70 -1.79
C TYR A 174 6.13 -21.70 -2.65
N ILE A 175 5.66 -21.53 -3.89
CA ILE A 175 6.14 -20.44 -4.77
C ILE A 175 5.09 -19.34 -4.81
N PRO A 176 5.41 -18.15 -4.25
CA PRO A 176 4.51 -17.00 -4.34
C PRO A 176 4.04 -16.72 -5.77
N SER A 177 2.75 -16.45 -5.92
CA SER A 177 2.18 -16.06 -7.20
C SER A 177 2.34 -14.55 -7.38
N GLN A 178 2.03 -14.07 -8.58
CA GLN A 178 1.98 -12.64 -8.86
C GLN A 178 1.17 -11.84 -7.86
N GLN A 179 -0.05 -12.30 -7.57
CA GLN A 179 -0.94 -11.62 -6.63
C GLN A 179 -0.36 -11.59 -5.24
N ASP A 180 0.30 -12.66 -4.84
CA ASP A 180 0.87 -12.74 -3.50
C ASP A 180 1.96 -11.70 -3.39
N ILE A 181 2.80 -11.59 -4.42
CA ILE A 181 3.93 -10.62 -4.43
C ILE A 181 3.46 -9.18 -4.37
N LEU A 182 2.32 -8.93 -5.01
CA LEU A 182 1.72 -7.56 -5.02
C LEU A 182 1.25 -7.15 -3.64
N LEU A 183 0.69 -8.12 -2.90
CA LEU A 183 0.19 -7.92 -1.54
C LEU A 183 1.26 -7.97 -0.46
N ALA A 184 2.41 -8.60 -0.75
CA ALA A 184 3.53 -8.72 0.19
C ALA A 184 4.01 -7.35 0.57
N ARG A 185 4.08 -7.08 1.87
CA ARG A 185 4.46 -5.76 2.36
C ARG A 185 5.88 -5.80 2.86
N ARG A 186 6.72 -5.03 2.20
CA ARG A 186 8.02 -4.68 2.72
C ARG A 186 8.22 -3.16 2.52
N PRO A 187 8.58 -2.43 3.59
CA PRO A 187 8.87 -1.00 3.43
C PRO A 187 10.12 -0.70 2.59
N THR A 188 10.11 0.48 1.96
CA THR A 188 11.20 0.93 1.11
C THR A 188 12.02 1.94 1.90
N LYS A 189 13.27 1.59 2.17
CA LYS A 189 14.16 2.46 2.92
C LYS A 189 14.92 3.43 1.99
N GLY A 190 15.32 2.92 0.83
CA GLY A 190 16.00 3.75 -0.16
C GLY A 190 15.20 4.00 -1.43
N ILE A 191 15.81 3.64 -2.55
CA ILE A 191 15.33 3.97 -3.87
C ILE A 191 15.12 2.66 -4.62
N HIS A 192 14.01 2.52 -5.32
CA HIS A 192 13.84 1.41 -6.25
C HIS A 192 13.66 1.94 -7.65
N GLU A 193 14.05 1.15 -8.64
CA GLU A 193 13.91 1.53 -10.04
C GLU A 193 13.49 0.34 -10.83
N TYR A 194 12.62 0.58 -11.80
CA TYR A 194 12.33 -0.41 -12.84
C TYR A 194 12.31 0.32 -14.15
N ASP A 195 12.92 -0.30 -15.16
CA ASP A 195 13.10 0.26 -16.50
C ASP A 195 12.39 -0.67 -17.48
N PHE A 196 11.44 -0.13 -18.24
CA PHE A 196 10.60 -0.96 -19.17
C PHE A 196 10.29 -0.17 -20.47
N GLU A 197 10.00 -0.85 -21.56
CA GLU A 197 9.51 -0.14 -22.75
C GLU A 197 8.09 -0.54 -23.11
N ILE A 198 7.35 0.40 -23.70
CA ILE A 198 6.05 0.11 -24.34
C ILE A 198 6.13 0.58 -25.79
N LYS A 199 5.94 -0.36 -26.71
CA LYS A 199 6.02 -0.11 -28.16
C LYS A 199 7.24 0.74 -28.53
N ASN A 200 8.43 0.30 -28.11
CA ASN A 200 9.70 1.02 -28.34
C ASN A 200 9.83 2.39 -27.67
N VAL A 201 8.88 2.74 -26.79
CA VAL A 201 9.05 3.90 -25.90
C VAL A 201 9.68 3.40 -24.59
N PRO A 202 10.89 3.90 -24.24
CA PRO A 202 11.55 3.45 -23.02
C PRO A 202 11.15 4.30 -21.81
N PHE A 203 10.77 3.65 -20.71
CA PHE A 203 10.46 4.31 -19.43
C PHE A 203 11.49 3.97 -18.38
N LYS A 204 11.87 4.98 -17.59
CA LYS A 204 12.67 4.82 -16.39
C LYS A 204 11.82 5.25 -15.20
N MET A 205 11.37 4.27 -14.43
CA MET A 205 10.52 4.63 -13.31
C MET A 205 11.23 4.48 -11.97
N VAL A 206 11.26 5.56 -11.19
CA VAL A 206 12.00 5.57 -9.93
C VAL A 206 11.09 5.83 -8.72
N ASP A 207 11.08 4.87 -7.81
CA ASP A 207 10.38 5.01 -6.55
C ASP A 207 11.32 5.58 -5.50
N VAL A 208 11.06 6.83 -5.09
CA VAL A 208 11.72 7.38 -3.92
C VAL A 208 10.76 7.16 -2.74
N GLY A 209 11.22 6.41 -1.72
CA GLY A 209 10.45 6.16 -0.50
C GLY A 209 9.69 7.38 0.07
N GLY A 210 8.85 7.17 1.07
CA GLY A 210 8.03 8.27 1.58
C GLY A 210 8.38 8.67 3.01
N TRP A 218 15.15 13.44 -1.09
CA TRP A 218 14.25 13.33 -2.22
C TRP A 218 14.81 14.07 -3.46
N PHE A 219 15.61 15.10 -3.21
CA PHE A 219 16.03 16.07 -4.23
C PHE A 219 17.06 15.60 -5.29
N GLU A 220 17.63 14.41 -5.08
CA GLU A 220 18.71 13.88 -5.93
C GLU A 220 18.24 13.23 -7.24
N CYS A 221 17.01 12.69 -7.23
CA CYS A 221 16.37 12.07 -8.41
C CYS A 221 15.53 13.04 -9.20
N PHE A 222 15.42 14.26 -8.69
CA PHE A 222 14.64 15.36 -9.30
C PHE A 222 15.14 15.79 -10.69
N ASP A 223 16.25 15.20 -11.14
CA ASP A 223 16.90 15.56 -12.40
C ASP A 223 16.27 14.94 -13.64
N SER A 224 15.98 15.78 -14.64
CA SER A 224 15.46 15.36 -15.94
C SER A 224 14.16 14.53 -15.86
N VAL A 225 13.29 14.89 -14.91
CA VAL A 225 12.03 14.18 -14.68
C VAL A 225 10.98 14.54 -15.75
N THR A 226 10.30 13.54 -16.30
CA THR A 226 9.25 13.82 -17.29
C THR A 226 7.90 13.97 -16.59
N SER A 227 7.61 13.02 -15.70
CA SER A 227 6.34 12.99 -15.01
C SER A 227 6.51 12.55 -13.55
N ILE A 228 5.62 13.01 -12.68
CA ILE A 228 5.55 12.55 -11.29
C ILE A 228 4.18 11.93 -11.08
N LEU A 229 4.16 10.66 -10.61
CA LEU A 229 2.94 10.04 -10.15
C LEU A 229 2.90 10.15 -8.63
N PHE A 230 1.89 10.83 -8.09
CA PHE A 230 1.89 11.08 -6.65
C PHE A 230 0.82 10.20 -6.02
N LEU A 231 1.26 9.23 -5.22
CA LEU A 231 0.36 8.20 -4.67
C LEU A 231 -0.17 8.60 -3.32
N VAL A 232 -1.49 8.46 -3.14
CA VAL A 232 -2.15 8.77 -1.86
C VAL A 232 -2.95 7.56 -1.39
N SER A 233 -2.82 7.19 -0.11
CA SER A 233 -3.72 6.13 0.44
C SER A 233 -5.07 6.82 0.71
N SER A 234 -5.97 6.86 -0.26
CA SER A 234 -7.17 7.69 -0.12
C SER A 234 -8.10 7.30 1.05
N SER A 235 -7.96 6.06 1.54
CA SER A 235 -8.78 5.47 2.62
C SER A 235 -8.28 5.82 4.05
N GLU A 236 -7.18 6.60 4.19
CA GLU A 236 -6.55 6.89 5.48
C GLU A 236 -7.00 8.24 6.04
N PHE A 237 -8.07 8.83 5.51
CA PHE A 237 -8.55 10.14 5.96
C PHE A 237 -8.95 10.16 7.46
N ASP A 238 -9.25 9.01 8.02
CA ASP A 238 -9.58 8.95 9.44
C ASP A 238 -8.45 8.44 10.33
N GLN A 239 -7.22 8.37 9.81
CA GLN A 239 -6.06 7.84 10.56
C GLN A 239 -5.05 8.94 10.85
N VAL A 240 -4.29 8.81 11.94
CA VAL A 240 -3.18 9.71 12.25
C VAL A 240 -1.84 8.98 12.02
N LEU A 241 -0.75 9.72 11.92
CA LEU A 241 0.57 9.08 11.81
C LEU A 241 0.89 8.42 13.13
N MET A 242 1.35 7.17 13.06
CA MET A 242 1.72 6.38 14.23
C MET A 242 2.78 7.08 15.09
N GLU A 243 3.72 7.76 14.44
CA GLU A 243 4.81 8.48 15.10
C GLU A 243 4.46 9.94 15.44
N ASP A 244 3.24 10.35 15.07
CA ASP A 244 2.81 11.73 15.27
C ASP A 244 1.29 11.78 15.21
N ARG A 245 0.66 11.55 16.36
CA ARG A 245 -0.78 11.36 16.44
C ARG A 245 -1.52 12.67 16.26
N GLN A 246 -0.77 13.76 16.24
CA GLN A 246 -1.32 15.07 15.92
C GLN A 246 -1.66 15.21 14.42
N THR A 247 -0.96 14.45 13.59
CA THR A 247 -1.06 14.63 12.15
C THR A 247 -1.97 13.60 11.51
N ASN A 248 -2.99 14.10 10.85
CA ASN A 248 -3.85 13.25 10.03
C ASN A 248 -3.03 12.79 8.83
N ARG A 249 -3.20 11.53 8.42
CA ARG A 249 -2.46 10.94 7.31
C ARG A 249 -2.76 11.57 5.96
N LEU A 250 -4.00 12.00 5.73
CA LEU A 250 -4.33 12.75 4.53
C LEU A 250 -3.73 14.13 4.61
N THR A 251 -3.75 14.72 5.78
CA THR A 251 -3.12 16.02 5.95
C THR A 251 -1.60 15.91 5.61
N GLU A 252 -0.95 14.86 6.10
CA GLU A 252 0.46 14.61 5.80
C GLU A 252 0.69 14.45 4.29
N SER A 253 -0.17 13.70 3.62
CA SER A 253 -0.09 13.61 2.17
C SER A 253 -0.28 14.97 1.45
N LEU A 254 -1.26 15.75 1.90
CA LEU A 254 -1.52 17.04 1.27
C LEU A 254 -0.35 17.98 1.40
N ASN A 255 0.33 17.90 2.54
CA ASN A 255 1.46 18.81 2.78
C ASN A 255 2.67 18.42 1.94
N ILE A 256 2.90 17.11 1.78
CA ILE A 256 3.96 16.64 0.90
C ILE A 256 3.67 17.08 -0.52
N PHE A 257 2.44 16.85 -0.98
CA PHE A 257 2.05 17.25 -2.30
C PHE A 257 2.28 18.72 -2.53
N GLU A 258 1.95 19.56 -1.53
CA GLU A 258 2.07 21.02 -1.66
C GLU A 258 3.51 21.47 -2.03
N THR A 259 4.51 20.83 -1.39
CA THR A 259 5.94 21.16 -1.59
C THR A 259 6.38 20.75 -3.01
N ILE A 260 5.80 19.68 -3.54
CA ILE A 260 6.12 19.24 -4.90
C ILE A 260 5.43 20.09 -5.94
N VAL A 261 4.12 20.28 -5.78
CA VAL A 261 3.32 20.85 -6.85
C VAL A 261 3.68 22.32 -7.02
N ASN A 262 4.24 22.92 -5.96
CA ASN A 262 4.54 24.35 -5.98
C ASN A 262 6.02 24.69 -6.23
N ASN A 263 6.83 23.65 -6.37
CA ASN A 263 8.23 23.77 -6.74
C ASN A 263 8.38 24.09 -8.23
N ARG A 264 9.07 25.19 -8.52
CA ARG A 264 9.22 25.78 -9.88
C ARG A 264 9.97 24.82 -10.82
N VAL A 265 10.91 24.09 -10.23
CA VAL A 265 11.66 23.01 -10.85
C VAL A 265 10.75 22.03 -11.60
N PHE A 266 9.53 21.80 -11.10
CA PHE A 266 8.59 20.89 -11.74
C PHE A 266 7.50 21.54 -12.63
N SER A 267 7.71 22.80 -13.06
CA SER A 267 6.74 23.51 -13.89
C SER A 267 6.39 22.80 -15.19
N ASN A 268 7.39 22.21 -15.85
CA ASN A 268 7.16 21.47 -17.12
C ASN A 268 7.01 19.98 -16.92
N VAL A 269 6.72 19.57 -15.68
CA VAL A 269 6.58 18.14 -15.34
C VAL A 269 5.09 17.86 -15.20
N SER A 270 4.61 16.80 -15.87
CA SER A 270 3.27 16.25 -15.71
C SER A 270 3.11 15.66 -14.33
N ILE A 271 2.28 16.27 -13.50
CA ILE A 271 2.04 15.76 -12.16
C ILE A 271 0.67 15.11 -12.15
N ILE A 272 0.63 13.82 -11.78
CA ILE A 272 -0.60 13.05 -11.84
C ILE A 272 -0.85 12.46 -10.47
N LEU A 273 -2.05 12.71 -9.93
CA LEU A 273 -2.41 12.28 -8.59
C LEU A 273 -3.06 10.89 -8.66
N PHE A 274 -2.58 9.94 -7.88
CA PHE A 274 -3.27 8.65 -7.84
C PHE A 274 -3.92 8.60 -6.50
N LEU A 275 -5.25 8.66 -6.45
CA LEU A 275 -5.93 8.40 -5.16
C LEU A 275 -6.02 6.90 -5.05
N ASN A 276 -5.05 6.31 -4.34
CA ASN A 276 -4.91 4.83 -4.36
C ASN A 276 -5.73 4.22 -3.23
N LYS A 277 -5.79 2.88 -3.17
CA LYS A 277 -6.57 2.23 -2.13
C LYS A 277 -8.06 2.56 -2.30
N THR A 278 -8.48 2.63 -3.54
CA THR A 278 -9.85 2.96 -3.81
C THR A 278 -10.77 1.84 -3.31
N ASP A 279 -10.31 0.58 -3.32
CA ASP A 279 -11.15 -0.50 -2.86
C ASP A 279 -11.42 -0.30 -1.35
N LEU A 280 -10.40 0.14 -0.64
CA LEU A 280 -10.50 0.37 0.78
C LEU A 280 -11.32 1.63 1.07
N LEU A 281 -11.26 2.64 0.19
CA LEU A 281 -12.02 3.87 0.46
C LEU A 281 -13.49 3.53 0.30
N GLU A 282 -13.82 2.79 -0.74
CA GLU A 282 -15.19 2.35 -0.98
C GLU A 282 -15.81 1.60 0.25
N GLU A 283 -15.05 0.73 0.89
CA GLU A 283 -15.49 0.11 2.13
C GLU A 283 -15.61 1.13 3.27
N LYS A 284 -14.60 1.95 3.42
CA LYS A 284 -14.56 2.82 4.60
C LYS A 284 -15.69 3.89 4.60
N VAL A 285 -15.99 4.49 3.45
CA VAL A 285 -17.04 5.50 3.35
C VAL A 285 -18.41 5.03 3.83
N GLN A 286 -18.64 3.72 3.78
CA GLN A 286 -19.90 3.12 4.23
C GLN A 286 -20.02 3.19 5.74
N VAL A 287 -18.91 3.30 6.44
CA VAL A 287 -18.96 3.21 7.87
C VAL A 287 -18.35 4.37 8.64
N VAL A 288 -17.62 5.25 7.96
CA VAL A 288 -16.98 6.37 8.62
C VAL A 288 -17.35 7.61 7.81
N SER A 289 -17.64 8.70 8.51
CA SER A 289 -17.87 9.99 7.89
C SER A 289 -16.64 10.89 7.83
N ILE A 290 -16.19 11.18 6.63
CA ILE A 290 -15.07 12.12 6.44
C ILE A 290 -15.30 13.50 7.02
N LYS A 291 -16.56 13.94 7.19
CA LYS A 291 -16.87 15.26 7.78
C LYS A 291 -16.33 15.42 9.20
N ASP A 292 -16.24 14.30 9.90
CA ASP A 292 -15.76 14.26 11.28
C ASP A 292 -14.28 14.60 11.34
N TYR A 293 -13.61 14.44 10.21
CA TYR A 293 -12.15 14.65 10.10
C TYR A 293 -11.79 15.90 9.33
N PHE A 294 -12.56 16.21 8.29
CA PHE A 294 -12.33 17.39 7.45
C PHE A 294 -13.57 18.27 7.41
N LEU A 295 -13.56 19.33 8.20
CA LEU A 295 -14.79 20.11 8.42
C LEU A 295 -15.25 20.80 7.14
N GLU A 296 -14.38 20.79 6.15
CA GLU A 296 -14.64 21.46 4.90
C GLU A 296 -15.42 20.59 3.93
N PHE A 297 -15.63 19.32 4.27
CA PHE A 297 -16.34 18.44 3.35
C PHE A 297 -17.78 18.91 3.17
N GLU A 298 -18.25 18.94 1.92
CA GLU A 298 -19.65 19.21 1.60
C GLU A 298 -20.15 18.08 0.69
N GLY A 299 -21.39 17.63 0.89
CA GLY A 299 -21.90 16.50 0.13
C GLY A 299 -22.36 15.41 1.04
N ASP A 300 -22.48 14.20 0.48
CA ASP A 300 -22.90 13.03 1.21
C ASP A 300 -21.60 12.23 1.51
N PRO A 301 -21.23 12.13 2.80
CA PRO A 301 -19.93 11.53 3.12
C PRO A 301 -19.92 10.00 2.97
N HIS A 302 -21.08 9.40 2.75
CA HIS A 302 -21.14 7.94 2.56
C HIS A 302 -21.26 7.64 1.08
N CYS A 303 -21.13 8.67 0.24
CA CYS A 303 -21.15 8.49 -1.21
C CYS A 303 -19.71 8.55 -1.72
N LEU A 304 -19.21 7.42 -2.21
CA LEU A 304 -17.82 7.34 -2.66
C LEU A 304 -17.44 8.49 -3.61
N ARG A 305 -18.30 8.75 -4.60
CA ARG A 305 -18.07 9.80 -5.59
C ARG A 305 -17.92 11.16 -4.93
N ASP A 306 -18.78 11.46 -3.95
CA ASP A 306 -18.68 12.78 -3.24
C ASP A 306 -17.37 12.88 -2.48
N VAL A 307 -16.98 11.78 -1.85
CA VAL A 307 -15.74 11.80 -1.09
C VAL A 307 -14.51 11.97 -2.04
N GLN A 308 -14.50 11.24 -3.14
CA GLN A 308 -13.43 11.35 -4.15
C GLN A 308 -13.32 12.79 -4.71
N LYS A 309 -14.45 13.39 -5.06
CA LYS A 309 -14.50 14.78 -5.53
C LYS A 309 -13.85 15.72 -4.54
N PHE A 310 -14.15 15.52 -3.26
CA PHE A 310 -13.58 16.34 -2.20
C PHE A 310 -12.08 16.17 -2.06
N LEU A 311 -11.61 14.92 -2.10
CA LEU A 311 -10.16 14.65 -2.07
C LEU A 311 -9.44 15.29 -3.25
N VAL A 312 -9.95 15.09 -4.46
CA VAL A 312 -9.35 15.76 -5.60
C VAL A 312 -9.25 17.26 -5.36
N GLU A 313 -10.33 17.89 -4.91
CA GLU A 313 -10.32 19.34 -4.66
C GLU A 313 -9.33 19.75 -3.57
N CYS A 314 -9.15 18.90 -2.55
CA CYS A 314 -8.13 19.13 -1.51
C CYS A 314 -6.72 19.26 -2.13
N PHE A 315 -6.34 18.30 -2.97
CA PHE A 315 -5.05 18.40 -3.69
C PHE A 315 -4.98 19.58 -4.68
N ARG A 316 -5.98 19.75 -5.55
CA ARG A 316 -6.03 20.92 -6.44
C ARG A 316 -5.80 22.21 -5.68
N GLY A 317 -6.47 22.35 -4.54
CA GLY A 317 -6.39 23.59 -3.77
C GLY A 317 -5.03 23.84 -3.16
N LYS A 318 -4.12 22.86 -3.19
CA LYS A 318 -2.77 23.06 -2.69
C LYS A 318 -1.88 23.82 -3.68
N ARG A 319 -2.31 23.91 -4.95
CA ARG A 319 -1.50 24.57 -5.97
C ARG A 319 -1.77 26.07 -5.94
N ARG A 320 -0.68 26.85 -6.00
CA ARG A 320 -0.79 28.30 -5.92
C ARG A 320 -1.12 28.99 -7.24
N ASP A 321 -0.59 28.48 -8.36
CA ASP A 321 -0.78 29.17 -9.65
C ASP A 321 -1.27 28.32 -10.83
N GLN A 322 -2.47 27.75 -10.70
CA GLN A 322 -3.12 27.05 -11.82
C GLN A 322 -4.64 27.00 -11.77
N GLN A 323 -5.21 26.47 -12.86
CA GLN A 323 -6.58 25.95 -12.90
C GLN A 323 -6.84 25.16 -14.19
N PRO A 326 -6.14 22.01 -14.97
CA PRO A 326 -6.34 20.57 -14.73
C PRO A 326 -5.34 19.95 -13.76
N LEU A 327 -5.84 19.26 -12.75
CA LEU A 327 -5.00 18.37 -11.98
C LEU A 327 -5.34 16.95 -12.40
N TYR A 328 -4.43 16.34 -13.19
CA TYR A 328 -4.63 14.98 -13.69
C TYR A 328 -4.74 14.04 -12.51
N HIS A 329 -5.70 13.11 -12.53
CA HIS A 329 -5.89 12.24 -11.36
C HIS A 329 -6.59 10.99 -11.79
N HIS A 330 -6.34 9.94 -11.03
CA HIS A 330 -6.95 8.63 -11.25
C HIS A 330 -7.25 8.02 -9.91
N PHE A 331 -8.33 7.26 -9.84
CA PHE A 331 -8.69 6.56 -8.61
C PHE A 331 -8.18 5.16 -8.78
N THR A 332 -7.16 4.78 -8.03
CA THR A 332 -6.50 3.50 -8.38
C THR A 332 -6.65 2.46 -7.29
N THR A 333 -6.42 1.21 -7.65
CA THR A 333 -6.24 0.16 -6.67
C THR A 333 -4.97 -0.56 -7.10
N ALA A 334 -3.84 -0.17 -6.51
CA ALA A 334 -2.53 -0.60 -7.05
C ALA A 334 -2.33 -2.10 -7.03
N ILE A 335 -3.08 -2.82 -6.20
CA ILE A 335 -2.93 -4.28 -6.17
C ILE A 335 -3.72 -4.97 -7.27
N ASN A 336 -4.52 -4.21 -8.00
CA ASN A 336 -5.37 -4.80 -9.04
C ASN A 336 -4.70 -4.57 -10.36
N THR A 337 -4.17 -5.65 -10.95
CA THR A 337 -3.39 -5.53 -12.19
C THR A 337 -4.19 -4.98 -13.36
N GLU A 338 -5.46 -5.40 -13.48
CA GLU A 338 -6.32 -4.94 -14.56
C GLU A 338 -6.60 -3.43 -14.42
N ASN A 339 -6.80 -2.95 -13.19
CA ASN A 339 -6.98 -1.51 -12.98
C ASN A 339 -5.75 -0.72 -13.44
N ILE A 340 -4.58 -1.22 -13.05
CA ILE A 340 -3.36 -0.48 -13.28
C ILE A 340 -3.00 -0.50 -14.74
N ARG A 341 -3.34 -1.62 -15.40
CA ARG A 341 -3.20 -1.70 -16.84
C ARG A 341 -3.93 -0.54 -17.55
N LEU A 342 -5.21 -0.33 -17.24
CA LEU A 342 -6.02 0.77 -17.80
C LEU A 342 -5.48 2.12 -17.39
N VAL A 343 -5.17 2.28 -16.12
CA VAL A 343 -4.68 3.57 -15.63
C VAL A 343 -3.37 3.91 -16.29
N PHE A 344 -2.44 2.97 -16.37
CA PHE A 344 -1.16 3.36 -16.98
C PHE A 344 -1.25 3.68 -18.47
N ARG A 345 -2.11 2.96 -19.18
CA ARG A 345 -2.45 3.29 -20.57
C ARG A 345 -2.85 4.78 -20.68
N ASP A 346 -3.77 5.22 -19.82
CA ASP A 346 -4.18 6.64 -19.74
C ASP A 346 -3.06 7.61 -19.38
N VAL A 347 -2.24 7.22 -18.40
CA VAL A 347 -1.14 8.05 -17.94
C VAL A 347 -0.10 8.20 -19.03
N LYS A 348 0.23 7.07 -19.66
CA LYS A 348 1.15 7.06 -20.81
C LYS A 348 0.69 8.07 -21.89
N ASP A 349 -0.58 8.04 -22.28
CA ASP A 349 -1.12 9.02 -23.24
C ASP A 349 -0.98 10.45 -22.71
N THR A 350 -1.33 10.69 -21.45
CA THR A 350 -1.17 12.02 -20.83
C THR A 350 0.25 12.54 -20.98
N ILE A 351 1.21 11.73 -20.54
CA ILE A 351 2.62 12.08 -20.59
C ILE A 351 3.08 12.39 -22.01
N LEU A 352 2.73 11.53 -22.97
CA LEU A 352 3.14 11.75 -24.36
C LEU A 352 2.45 12.96 -25.01
N HIS A 353 1.14 13.12 -24.80
CA HIS A 353 0.47 14.35 -25.22
C HIS A 353 1.13 15.63 -24.65
N ASP A 354 1.43 15.63 -23.35
CA ASP A 354 2.12 16.74 -22.68
C ASP A 354 3.59 16.83 -23.05
N ASN A 355 4.31 15.72 -22.86
CA ASN A 355 5.77 15.62 -23.12
C ASN A 355 6.17 15.86 -24.58
N LEU A 356 5.26 15.59 -25.52
CA LEU A 356 5.44 16.09 -26.89
C LEU A 356 5.22 17.60 -26.87
N LYS A 357 3.96 18.02 -26.89
CA LYS A 357 3.57 19.44 -26.80
C LYS A 357 4.37 20.18 -25.73
PB GDP B . 4.89 2.00 -0.37
O1B GDP B . 4.51 3.37 -0.90
O2B GDP B . 5.90 1.41 -1.20
O3B GDP B . 5.44 2.11 1.06
O3A GDP B . 3.52 1.21 -0.24
PA GDP B . 3.47 -0.34 -0.67
O1A GDP B . 3.55 -0.38 -2.15
O2A GDP B . 4.56 -1.16 -0.13
O5' GDP B . 2.05 -0.72 -0.12
C5' GDP B . 1.63 -0.88 1.25
C4' GDP B . 0.71 -2.09 1.40
O4' GDP B . -0.57 -1.77 0.89
C3' GDP B . 1.17 -3.33 0.62
O3' GDP B . 0.82 -4.51 1.36
C2' GDP B . 0.36 -3.30 -0.67
O2' GDP B . 0.06 -4.64 -1.15
C1' GDP B . -0.91 -2.67 -0.21
N9 GDP B . -1.64 -1.88 -1.24
C8 GDP B . -1.09 -1.06 -2.17
N7 GDP B . -2.04 -0.47 -2.87
C5 GDP B . -3.21 -0.97 -2.46
C6 GDP B . -4.61 -0.81 -2.83
O6 GDP B . -4.92 -0.01 -3.74
N1 GDP B . -5.53 -1.49 -2.14
C2 GDP B . -5.21 -2.34 -1.15
N2 GDP B . -6.22 -3.03 -0.53
N3 GDP B . -3.96 -2.58 -0.76
C4 GDP B . -2.95 -1.91 -1.38
#